data_7D4S
#
_entry.id   7D4S
#
_cell.length_a   66.316
_cell.length_b   116.432
_cell.length_c   107.410
_cell.angle_alpha   90.000
_cell.angle_beta   90.000
_cell.angle_gamma   90.000
#
_symmetry.space_group_name_H-M   'C 2 2 21'
#
loop_
_entity.id
_entity.type
_entity.pdbx_description
1 polymer 'Cyclic AMP-AMP-GMP synthase'
2 non-polymer 'DIPHOSPHOMETHYLPHOSPHONIC ACID ADENOSYL ESTER'
3 non-polymer 'MAGNESIUM ION'
4 water water
#
_entity_poly.entity_id   1
_entity_poly.type   'polypeptide(L)'
_entity_poly.pdbx_seq_one_letter_code
;MELQPQFNEFLANIRPTDTQKEDWKSGARTLRERLKNFEPLKEIVVSTFLQGSIRRSTAIRPLGDKRPDVDIVVVTNLDH
TRMSPTDAMDLFIPFLEKYYPGKWETQGRSFGITLSYVELDLVITAIPESGAEKSHLEQLYKSESVLTVNSLEEQTDWRL
NKSWTPNTGWLSESNSAQVEDAPASEWKAHPLVLPDREKNEWGRTHPLAQIRWTAEKNRLCNGHYINLVRAVKWWRQQNS
EDLPKYPKGYPLEHLIGNALDNGTTSMAQGLVQLMDTFLSRWAAIYNQKSKPWLSDHGVAEHDVMARLTAEDFCSFYEGI
ASAAEIARNALASEEPQESAQLWRQLFGSKFPLPGPQGGDRNGGFTTPSKPAEPQKTGRFALEHHHHHH
;
_entity_poly.pdbx_strand_id   A
#
loop_
_chem_comp.id
_chem_comp.type
_chem_comp.name
_chem_comp.formula
APC non-polymer 'DIPHOSPHOMETHYLPHOSPHONIC ACID ADENOSYL ESTER' 'C11 H18 N5 O12 P3'
MG non-polymer 'MAGNESIUM ION' 'Mg 2'
#
# COMPACT_ATOMS: atom_id res chain seq x y z
N MET A 1 23.58 18.22 -0.52
CA MET A 1 23.59 17.68 0.85
C MET A 1 22.41 16.70 1.06
N GLU A 2 22.58 15.78 2.01
CA GLU A 2 21.56 14.78 2.31
C GLU A 2 20.43 15.32 3.18
N LEU A 3 20.73 16.27 4.06
CA LEU A 3 19.73 16.95 4.90
C LEU A 3 18.75 15.96 5.54
N GLN A 4 19.30 15.00 6.27
CA GLN A 4 18.46 13.98 6.86
C GLN A 4 17.46 14.52 7.90
N PRO A 5 17.80 15.50 8.76
CA PRO A 5 16.75 16.05 9.64
C PRO A 5 15.62 16.71 8.88
N GLN A 6 15.94 17.39 7.78
CA GLN A 6 14.90 18.01 6.97
C GLN A 6 14.02 16.96 6.31
N PHE A 7 14.61 15.87 5.82
CA PHE A 7 13.79 14.79 5.27
C PHE A 7 12.89 14.19 6.34
N ASN A 8 13.40 14.02 7.56
CA ASN A 8 12.56 13.48 8.64
C ASN A 8 11.38 14.40 8.93
N GLU A 9 11.61 15.71 8.98
CA GLU A 9 10.50 16.64 9.22
C GLU A 9 9.51 16.64 8.06
N PHE A 10 10.01 16.59 6.83
CA PHE A 10 9.16 16.47 5.65
C PHE A 10 8.26 15.24 5.75
N LEU A 11 8.84 14.09 6.11
CA LEU A 11 8.07 12.87 6.27
C LEU A 11 7.00 13.02 7.35
N ALA A 12 7.36 13.64 8.47
CA ALA A 12 6.37 13.90 9.51
C ALA A 12 5.23 14.78 8.98
N ASN A 13 5.54 15.67 8.04
CA ASN A 13 4.53 16.55 7.47
C ASN A 13 3.62 15.84 6.48
N ILE A 14 4.08 14.75 5.84
CA ILE A 14 3.26 14.11 4.81
C ILE A 14 2.60 12.80 5.27
N ARG A 15 2.94 12.29 6.45
CA ARG A 15 2.21 11.15 7.01
C ARG A 15 0.78 11.56 7.35
N PRO A 16 -0.16 10.63 7.28
CA PRO A 16 -1.51 10.91 7.80
C PRO A 16 -1.44 11.35 9.26
N THR A 17 -2.42 12.14 9.66
CA THR A 17 -2.39 12.75 10.98
C THR A 17 -2.72 11.73 12.07
N ASP A 18 -2.37 12.08 13.30
CA ASP A 18 -2.72 11.22 14.42
C ASP A 18 -4.24 11.09 14.56
N THR A 19 -4.99 12.15 14.26
CA THR A 19 -6.44 12.08 14.31
C THR A 19 -6.96 11.05 13.31
N GLN A 20 -6.47 11.11 12.07
CA GLN A 20 -6.85 10.09 11.09
C GLN A 20 -6.42 8.70 11.56
N LYS A 21 -5.21 8.58 12.11
CA LYS A 21 -4.69 7.26 12.47
C LYS A 21 -5.54 6.60 13.54
N GLU A 22 -5.85 7.34 14.59
CA GLU A 22 -6.67 6.76 15.65
C GLU A 22 -8.09 6.50 15.16
N ASP A 23 -8.59 7.32 14.23
CA ASP A 23 -9.91 7.05 13.66
C ASP A 23 -9.92 5.73 12.92
N TRP A 24 -8.91 5.45 12.08
CA TRP A 24 -8.96 4.19 11.32
C TRP A 24 -8.62 2.98 12.18
N LYS A 25 -7.75 3.11 13.19
CA LYS A 25 -7.51 1.98 14.09
C LYS A 25 -8.79 1.63 14.85
N SER A 26 -9.45 2.63 15.44
CA SER A 26 -10.70 2.36 16.15
C SER A 26 -11.78 1.86 15.18
N GLY A 27 -11.83 2.41 13.97
CA GLY A 27 -12.82 1.96 13.01
C GLY A 27 -12.63 0.51 12.61
N ALA A 28 -11.38 0.11 12.38
CA ALA A 28 -11.07 -1.29 12.05
C ALA A 28 -11.41 -2.22 13.21
N ARG A 29 -11.03 -1.85 14.44
CA ARG A 29 -11.35 -2.70 15.59
C ARG A 29 -12.86 -2.86 15.75
N THR A 30 -13.61 -1.76 15.61
CA THR A 30 -15.05 -1.83 15.79
C THR A 30 -15.71 -2.66 14.71
N LEU A 31 -15.30 -2.47 13.46
CA LEU A 31 -15.83 -3.29 12.38
C LEU A 31 -15.56 -4.76 12.63
N ARG A 32 -14.32 -5.09 13.02
CA ARG A 32 -13.95 -6.48 13.27
C ARG A 32 -14.79 -7.10 14.38
N GLU A 33 -14.99 -6.37 15.48
CA GLU A 33 -15.78 -6.91 16.58
C GLU A 33 -17.25 -7.08 16.20
N ARG A 34 -17.81 -6.08 15.50
CA ARG A 34 -19.21 -6.17 15.06
C ARG A 34 -19.41 -7.37 14.14
N LEU A 35 -18.49 -7.58 13.19
CA LEU A 35 -18.57 -8.76 12.34
C LEU A 35 -18.46 -10.03 13.15
N LYS A 36 -17.56 -10.03 14.14
CA LYS A 36 -17.36 -11.21 14.98
C LYS A 36 -18.63 -11.59 15.71
N ASN A 37 -19.44 -10.62 16.10
CA ASN A 37 -20.63 -10.89 16.89
C ASN A 37 -21.93 -10.92 16.09
N PHE A 38 -21.88 -10.74 14.78
CA PHE A 38 -23.08 -10.71 13.95
C PHE A 38 -23.46 -12.14 13.58
N GLU A 39 -24.55 -12.63 14.16
CA GLU A 39 -24.93 -14.04 14.09
C GLU A 39 -24.98 -14.60 12.68
N PRO A 40 -25.60 -13.95 11.70
CA PRO A 40 -25.63 -14.55 10.35
C PRO A 40 -24.25 -14.73 9.72
N LEU A 41 -23.23 -13.98 10.15
CA LEU A 41 -21.91 -14.06 9.53
C LEU A 41 -20.86 -14.70 10.41
N LYS A 42 -21.22 -15.14 11.63
CA LYS A 42 -20.25 -15.63 12.60
C LYS A 42 -19.46 -16.83 12.07
N GLU A 43 -20.14 -17.76 11.39
CA GLU A 43 -19.48 -18.95 10.88
C GLU A 43 -18.90 -18.77 9.48
N ILE A 44 -18.96 -17.55 8.94
CA ILE A 44 -18.52 -17.27 7.58
C ILE A 44 -17.28 -16.40 7.58
N VAL A 45 -17.22 -15.40 8.44
CA VAL A 45 -16.08 -14.48 8.46
C VAL A 45 -14.92 -15.13 9.21
N VAL A 46 -13.80 -15.28 8.52
CA VAL A 46 -12.59 -15.84 9.13
C VAL A 46 -11.78 -14.74 9.82
N SER A 47 -11.68 -13.59 9.17
CA SER A 47 -10.75 -12.56 9.66
C SER A 47 -11.15 -11.23 9.05
N THR A 48 -10.88 -10.15 9.78
CA THR A 48 -11.03 -8.77 9.30
C THR A 48 -9.71 -8.08 9.56
N PHE A 49 -9.01 -7.64 8.51
CA PHE A 49 -7.67 -7.08 8.75
C PHE A 49 -7.37 -5.87 7.89
N LEU A 50 -6.48 -5.04 8.43
CA LEU A 50 -6.02 -3.81 7.79
C LEU A 50 -5.00 -4.13 6.70
N GLN A 51 -5.13 -3.48 5.54
CA GLN A 51 -4.26 -3.75 4.40
C GLN A 51 -3.99 -2.43 3.68
N GLY A 52 -3.46 -2.53 2.47
CA GLY A 52 -3.29 -1.34 1.64
C GLY A 52 -2.15 -0.45 2.12
N SER A 53 -2.11 0.75 1.53
CA SER A 53 -1.05 1.71 1.84
C SER A 53 -1.04 2.08 3.33
N ILE A 54 -2.20 2.11 3.97
CA ILE A 54 -2.23 2.45 5.38
C ILE A 54 -1.48 1.39 6.20
N ARG A 55 -1.73 0.12 5.92
CA ARG A 55 -1.05 -0.94 6.65
C ARG A 55 0.44 -0.94 6.35
N ARG A 56 0.83 -0.69 5.09
CA ARG A 56 2.24 -0.72 4.75
C ARG A 56 2.97 0.58 5.07
N SER A 57 2.27 1.58 5.63
CA SER A 57 2.86 2.89 5.91
C SER A 57 3.39 3.52 4.63
N THR A 58 2.66 3.33 3.52
CA THR A 58 3.00 3.99 2.27
C THR A 58 1.93 4.99 1.85
N ALA A 59 1.05 5.36 2.78
CA ALA A 59 0.02 6.35 2.52
C ALA A 59 0.51 7.76 2.83
N ILE A 60 0.08 8.73 2.04
CA ILE A 60 0.36 10.13 2.33
C ILE A 60 -0.94 10.81 2.77
N ARG A 61 -0.77 11.90 3.53
CA ARG A 61 -1.89 12.68 4.03
C ARG A 61 -2.68 13.27 2.87
N PRO A 62 -4.00 13.16 2.87
CA PRO A 62 -4.78 13.82 1.83
C PRO A 62 -4.70 15.33 1.99
N LEU A 63 -4.89 16.03 0.87
CA LEU A 63 -4.89 17.49 0.90
C LEU A 63 -6.24 18.00 1.42
N GLY A 64 -6.19 19.15 2.07
CA GLY A 64 -7.42 19.83 2.45
C GLY A 64 -8.23 19.06 3.47
N ASP A 65 -9.53 18.92 3.17
CA ASP A 65 -10.48 18.26 4.07
C ASP A 65 -10.51 16.75 3.93
N LYS A 66 -9.89 16.20 2.88
CA LYS A 66 -10.25 14.88 2.39
C LYS A 66 -9.90 13.78 3.38
N ARG A 67 -10.71 12.72 3.36
CA ARG A 67 -10.54 11.55 4.22
C ARG A 67 -9.59 10.56 3.56
N PRO A 68 -8.64 9.99 4.31
CA PRO A 68 -7.77 8.96 3.72
C PRO A 68 -8.57 7.70 3.40
N ASP A 69 -8.18 7.05 2.30
CA ASP A 69 -8.65 5.72 1.95
C ASP A 69 -7.94 4.70 2.85
N VAL A 70 -8.73 3.88 3.53
CA VAL A 70 -8.23 2.89 4.48
C VAL A 70 -8.77 1.53 4.07
N ASP A 71 -7.90 0.65 3.60
CA ASP A 71 -8.30 -0.62 3.02
C ASP A 71 -8.41 -1.70 4.09
N ILE A 72 -9.52 -2.46 4.03
CA ILE A 72 -9.81 -3.56 4.94
C ILE A 72 -10.17 -4.79 4.13
N VAL A 73 -9.63 -5.94 4.50
CA VAL A 73 -10.00 -7.23 3.92
C VAL A 73 -10.89 -7.98 4.90
N VAL A 74 -12.04 -8.45 4.41
CA VAL A 74 -12.83 -9.44 5.12
C VAL A 74 -12.56 -10.79 4.47
N VAL A 75 -11.95 -11.71 5.23
CA VAL A 75 -11.69 -13.06 4.77
C VAL A 75 -12.85 -13.95 5.20
N THR A 76 -13.50 -14.58 4.21
CA THR A 76 -14.57 -15.55 4.40
C THR A 76 -14.10 -16.95 4.00
N ASN A 77 -14.85 -17.95 4.46
CA ASN A 77 -14.62 -19.35 4.10
C ASN A 77 -15.58 -19.83 3.02
N LEU A 78 -16.17 -18.91 2.26
CA LEU A 78 -17.14 -19.25 1.24
C LEU A 78 -16.48 -20.02 0.10
N ASP A 79 -17.28 -20.89 -0.53
CA ASP A 79 -16.82 -21.68 -1.67
C ASP A 79 -16.96 -20.83 -2.94
N HIS A 80 -15.82 -20.34 -3.45
CA HIS A 80 -15.86 -19.44 -4.60
C HIS A 80 -16.20 -20.14 -5.90
N THR A 81 -16.20 -21.48 -5.92
CA THR A 81 -16.67 -22.18 -7.12
C THR A 81 -18.19 -22.31 -7.16
N ARG A 82 -18.87 -22.07 -6.03
CA ARG A 82 -20.32 -22.19 -5.98
C ARG A 82 -21.03 -20.87 -5.73
N MET A 83 -20.33 -19.84 -5.26
CA MET A 83 -20.93 -18.53 -5.07
C MET A 83 -20.08 -17.47 -5.80
N SER A 84 -20.76 -16.54 -6.46
CA SER A 84 -20.09 -15.47 -7.21
C SER A 84 -19.59 -14.40 -6.24
N PRO A 85 -18.70 -13.49 -6.71
CA PRO A 85 -18.35 -12.34 -5.86
C PRO A 85 -19.56 -11.59 -5.33
N THR A 86 -20.60 -11.37 -6.15
CA THR A 86 -21.78 -10.64 -5.65
C THR A 86 -22.56 -11.45 -4.61
N ASP A 87 -22.61 -12.79 -4.73
CA ASP A 87 -23.21 -13.60 -3.67
C ASP A 87 -22.56 -13.30 -2.31
N ALA A 88 -21.23 -13.30 -2.31
CA ALA A 88 -20.48 -13.03 -1.08
C ALA A 88 -20.76 -11.62 -0.57
N MET A 89 -20.68 -10.62 -1.45
CA MET A 89 -20.97 -9.23 -1.05
C MET A 89 -22.41 -9.06 -0.57
N ASP A 90 -23.39 -9.72 -1.23
CA ASP A 90 -24.78 -9.66 -0.82
C ASP A 90 -24.94 -9.99 0.65
N LEU A 91 -24.13 -10.95 1.12
CA LEU A 91 -24.25 -11.33 2.54
C LEU A 91 -24.07 -10.15 3.50
N PHE A 92 -23.35 -9.10 3.10
CA PHE A 92 -22.97 -8.05 4.05
C PHE A 92 -23.92 -6.87 4.07
N ILE A 93 -24.91 -6.81 3.18
CA ILE A 93 -25.83 -5.66 3.18
C ILE A 93 -26.62 -5.53 4.47
N PRO A 94 -27.23 -6.59 5.03
CA PRO A 94 -27.94 -6.41 6.31
C PRO A 94 -27.04 -5.91 7.42
N PHE A 95 -25.80 -6.40 7.45
CA PHE A 95 -24.84 -5.96 8.46
C PHE A 95 -24.57 -4.47 8.32
N LEU A 96 -24.30 -4.01 7.10
CA LEU A 96 -24.02 -2.60 6.87
C LEU A 96 -25.23 -1.74 7.21
N GLU A 97 -26.44 -2.20 6.87
CA GLU A 97 -27.63 -1.42 7.20
C GLU A 97 -27.86 -1.36 8.70
N LYS A 98 -27.50 -2.41 9.42
CA LYS A 98 -27.70 -2.41 10.87
C LYS A 98 -26.70 -1.50 11.58
N TYR A 99 -25.41 -1.58 11.20
CA TYR A 99 -24.38 -0.87 11.95
C TYR A 99 -23.87 0.41 11.29
N TYR A 100 -24.05 0.58 9.97
CA TYR A 100 -23.57 1.79 9.31
C TYR A 100 -24.61 2.45 8.42
N PRO A 101 -25.87 2.59 8.87
CA PRO A 101 -26.89 3.12 7.96
C PRO A 101 -26.57 4.56 7.58
N GLY A 102 -26.74 4.86 6.28
CA GLY A 102 -26.45 6.17 5.75
C GLY A 102 -24.98 6.47 5.56
N LYS A 103 -24.09 5.58 5.98
CA LYS A 103 -22.65 5.83 5.92
C LYS A 103 -21.90 4.84 5.05
N TRP A 104 -22.60 3.96 4.33
CA TRP A 104 -21.95 2.98 3.48
C TRP A 104 -22.49 3.07 2.05
N GLU A 105 -21.67 2.64 1.10
CA GLU A 105 -22.11 2.58 -0.30
C GLU A 105 -21.33 1.49 -1.02
N THR A 106 -21.98 0.87 -2.00
CA THR A 106 -21.28 -0.08 -2.85
C THR A 106 -20.44 0.70 -3.85
N GLN A 107 -19.14 0.41 -3.90
CA GLN A 107 -18.22 1.01 -4.86
C GLN A 107 -17.61 -0.13 -5.68
N GLY A 108 -18.40 -0.67 -6.60
CA GLY A 108 -17.93 -1.73 -7.47
C GLY A 108 -17.44 -2.97 -6.76
N ARG A 109 -16.13 -3.17 -6.70
CA ARG A 109 -15.61 -4.37 -6.07
C ARG A 109 -15.53 -4.26 -4.55
N SER A 110 -15.93 -3.14 -3.95
CA SER A 110 -15.77 -3.01 -2.51
C SER A 110 -16.90 -2.17 -1.93
N PHE A 111 -16.93 -2.07 -0.61
CA PHE A 111 -17.86 -1.23 0.13
C PHE A 111 -17.11 -0.04 0.72
N GLY A 112 -17.63 1.16 0.53
CA GLY A 112 -17.09 2.34 1.19
C GLY A 112 -17.89 2.62 2.44
N ILE A 113 -17.17 2.88 3.53
CA ILE A 113 -17.79 3.22 4.82
C ILE A 113 -17.21 4.56 5.26
N THR A 114 -18.06 5.57 5.40
CA THR A 114 -17.61 6.90 5.78
C THR A 114 -17.60 7.01 7.31
N LEU A 115 -16.41 7.13 7.88
CA LEU A 115 -16.25 7.40 9.29
C LEU A 115 -16.00 8.90 9.49
N SER A 116 -15.72 9.32 10.73
CA SER A 116 -15.55 10.74 11.03
C SER A 116 -14.41 11.35 10.21
N TYR A 117 -13.25 10.68 10.20
CA TYR A 117 -12.05 11.26 9.60
C TYR A 117 -11.43 10.41 8.52
N VAL A 118 -11.92 9.20 8.29
CA VAL A 118 -11.36 8.30 7.28
C VAL A 118 -12.51 7.65 6.52
N GLU A 119 -12.16 7.04 5.40
CA GLU A 119 -13.08 6.27 4.57
C GLU A 119 -12.57 4.84 4.49
N LEU A 120 -13.32 3.90 5.04
CA LEU A 120 -12.98 2.49 4.93
C LEU A 120 -13.33 1.98 3.54
N ASP A 121 -12.46 1.12 3.00
CA ASP A 121 -12.65 0.48 1.71
C ASP A 121 -12.58 -1.03 1.98
N LEU A 122 -13.75 -1.66 2.06
CA LEU A 122 -13.90 -3.04 2.50
C LEU A 122 -13.99 -3.95 1.28
N VAL A 123 -13.09 -4.92 1.18
CA VAL A 123 -13.19 -5.94 0.12
C VAL A 123 -13.49 -7.29 0.77
N ILE A 124 -14.44 -8.02 0.17
CA ILE A 124 -14.85 -9.35 0.63
C ILE A 124 -14.08 -10.38 -0.17
N THR A 125 -13.38 -11.29 0.51
CA THR A 125 -12.53 -12.27 -0.14
C THR A 125 -12.89 -13.67 0.33
N ALA A 126 -12.29 -14.67 -0.33
CA ALA A 126 -12.49 -16.06 0.07
C ALA A 126 -11.16 -16.80 -0.07
N ILE A 127 -11.08 -17.93 0.63
CA ILE A 127 -9.90 -18.81 0.61
C ILE A 127 -10.16 -19.92 -0.40
N PRO A 128 -9.36 -20.04 -1.48
CA PRO A 128 -9.62 -21.08 -2.48
C PRO A 128 -9.22 -22.48 -2.02
N GLU A 129 -8.33 -22.59 -1.04
CA GLU A 129 -7.87 -23.90 -0.59
C GLU A 129 -8.97 -24.65 0.15
N SER A 130 -8.75 -25.94 0.38
CA SER A 130 -9.69 -26.77 1.12
C SER A 130 -8.94 -27.55 2.19
N GLY A 131 -9.70 -28.22 3.05
CA GLY A 131 -9.13 -29.18 3.98
C GLY A 131 -8.11 -28.61 4.93
N ALA A 132 -7.03 -29.37 5.13
CA ALA A 132 -6.02 -28.98 6.10
C ALA A 132 -5.29 -27.71 5.66
N GLU A 133 -5.02 -27.57 4.36
CA GLU A 133 -4.40 -26.33 3.86
C GLU A 133 -5.24 -25.13 4.23
N LYS A 134 -6.56 -25.24 4.01
CA LYS A 134 -7.45 -24.15 4.37
C LYS A 134 -7.39 -23.85 5.86
N SER A 135 -7.40 -24.90 6.71
CA SER A 135 -7.32 -24.66 8.15
C SER A 135 -6.03 -23.94 8.54
N HIS A 136 -4.90 -24.33 7.95
CA HIS A 136 -3.63 -23.66 8.27
C HIS A 136 -3.67 -22.19 7.88
N LEU A 137 -4.22 -21.90 6.70
CA LEU A 137 -4.33 -20.51 6.30
C LEU A 137 -5.27 -19.74 7.22
N GLU A 138 -6.40 -20.33 7.61
CA GLU A 138 -7.30 -19.65 8.53
C GLU A 138 -6.60 -19.34 9.85
N GLN A 139 -5.75 -20.25 10.32
CA GLN A 139 -4.97 -19.98 11.53
C GLN A 139 -4.07 -18.77 11.34
N LEU A 140 -3.44 -18.66 10.17
CA LEU A 140 -2.61 -17.46 9.92
C LEU A 140 -3.47 -16.19 9.92
N TYR A 141 -4.62 -16.21 9.24
CA TYR A 141 -5.46 -15.01 9.18
C TYR A 141 -6.02 -14.61 10.55
N LYS A 142 -6.08 -15.55 11.50
CA LYS A 142 -6.57 -15.25 12.84
C LYS A 142 -5.47 -14.87 13.82
N SER A 143 -4.23 -14.80 13.36
CA SER A 143 -3.10 -14.55 14.24
C SER A 143 -2.90 -13.06 14.45
N GLU A 144 -2.15 -12.72 15.51
CA GLU A 144 -1.85 -11.32 15.79
C GLU A 144 -1.07 -10.67 14.66
N SER A 145 -0.20 -11.45 13.99
CA SER A 145 0.55 -10.93 12.84
C SER A 145 -0.38 -10.35 11.78
N VAL A 146 -1.55 -10.95 11.59
CA VAL A 146 -2.50 -10.43 10.61
C VAL A 146 -3.45 -9.42 11.23
N LEU A 147 -3.88 -9.64 12.48
CA LEU A 147 -4.93 -8.84 13.07
C LEU A 147 -4.42 -7.53 13.68
N THR A 148 -3.11 -7.36 13.87
CA THR A 148 -2.60 -6.08 14.37
C THR A 148 -3.10 -4.93 13.51
N VAL A 149 -3.48 -3.82 14.15
CA VAL A 149 -3.89 -2.65 13.38
C VAL A 149 -2.79 -1.59 13.38
N ASN A 150 -1.61 -1.91 13.89
CA ASN A 150 -0.47 -1.01 13.75
C ASN A 150 0.16 -1.22 12.37
N SER A 151 0.71 -0.14 11.83
CA SER A 151 1.30 -0.19 10.50
C SER A 151 2.78 -0.57 10.59
N LEU A 152 3.38 -0.87 9.42
CA LEU A 152 4.76 -1.37 9.39
C LEU A 152 5.71 -0.41 10.09
N GLU A 153 5.46 0.88 9.94
CA GLU A 153 6.31 1.92 10.54
C GLU A 153 6.29 1.86 12.06
N GLU A 154 5.19 1.42 12.64
CA GLU A 154 5.04 1.38 14.10
C GLU A 154 5.58 0.10 14.72
N GLN A 155 5.79 -0.97 13.92
CA GLN A 155 6.33 -2.23 14.44
C GLN A 155 7.32 -2.80 13.42
N THR A 156 8.57 -2.32 13.48
CA THR A 156 9.60 -2.88 12.63
C THR A 156 9.90 -4.33 12.99
N ASP A 157 9.48 -4.78 14.17
CA ASP A 157 9.64 -6.19 14.55
C ASP A 157 8.58 -7.09 13.91
N TRP A 158 7.67 -6.55 13.10
CA TRP A 158 6.59 -7.35 12.52
C TRP A 158 7.13 -8.36 11.51
N ARG A 159 6.64 -9.59 11.61
CA ARG A 159 6.91 -10.65 10.64
C ARG A 159 5.60 -11.35 10.31
N LEU A 160 5.55 -11.96 9.13
CA LEU A 160 4.39 -12.75 8.74
C LEU A 160 4.57 -14.15 9.30
N ASN A 161 4.04 -14.37 10.51
CA ASN A 161 4.23 -15.63 11.21
C ASN A 161 3.15 -15.74 12.28
N LYS A 162 2.41 -16.84 12.25
CA LYS A 162 1.33 -16.99 13.22
C LYS A 162 1.83 -17.02 14.66
N SER A 163 3.15 -17.15 14.88
CA SER A 163 3.73 -17.12 16.22
C SER A 163 4.25 -15.76 16.63
N TRP A 164 4.28 -14.78 15.74
CA TRP A 164 4.78 -13.45 16.07
C TRP A 164 3.90 -12.80 17.12
N THR A 165 4.52 -12.09 18.04
CA THR A 165 3.79 -11.34 19.04
C THR A 165 4.40 -9.94 19.15
N PRO A 166 3.59 -8.91 19.42
CA PRO A 166 4.16 -7.56 19.50
C PRO A 166 5.18 -7.45 20.63
N ASN A 167 6.30 -6.81 20.33
CA ASN A 167 7.30 -6.56 21.35
C ASN A 167 6.80 -5.48 22.30
N THR A 168 6.69 -5.81 23.58
CA THR A 168 6.20 -4.86 24.56
C THR A 168 7.37 -4.30 25.36
N VAL A 179 11.68 -14.47 16.14
CA VAL A 179 10.78 -15.01 15.14
C VAL A 179 11.00 -14.30 13.80
N GLU A 180 11.08 -15.09 12.74
CA GLU A 180 11.21 -14.59 11.37
C GLU A 180 9.88 -14.76 10.65
N ASP A 181 9.83 -14.30 9.41
CA ASP A 181 8.73 -14.69 8.54
C ASP A 181 8.64 -16.21 8.49
N ALA A 182 7.41 -16.72 8.41
CA ALA A 182 7.23 -18.16 8.26
C ALA A 182 7.89 -18.62 6.96
N PRO A 183 8.27 -19.90 6.89
CA PRO A 183 8.79 -20.44 5.62
C PRO A 183 7.85 -20.13 4.47
N ALA A 184 8.44 -19.70 3.35
CA ALA A 184 7.63 -19.27 2.21
C ALA A 184 6.70 -20.36 1.72
N SER A 185 7.07 -21.63 1.89
CA SER A 185 6.20 -22.70 1.40
C SER A 185 4.83 -22.70 2.08
N GLU A 186 4.71 -22.07 3.26
CA GLU A 186 3.43 -22.06 3.96
C GLU A 186 2.47 -20.98 3.48
N TRP A 187 2.93 -19.98 2.72
CA TRP A 187 2.03 -18.88 2.34
C TRP A 187 2.25 -18.34 0.93
N LYS A 188 3.42 -18.51 0.31
CA LYS A 188 3.74 -17.75 -0.90
C LYS A 188 2.79 -18.07 -2.04
N ALA A 189 2.43 -19.35 -2.22
CA ALA A 189 1.59 -19.75 -3.33
C ALA A 189 0.10 -19.76 -3.00
N HIS A 190 -0.33 -19.01 -1.99
CA HIS A 190 -1.70 -19.10 -1.47
C HIS A 190 -2.38 -17.73 -1.43
N PRO A 191 -2.77 -17.19 -2.58
CA PRO A 191 -3.53 -15.95 -2.58
C PRO A 191 -4.99 -16.16 -2.20
N LEU A 192 -5.60 -15.08 -1.74
CA LEU A 192 -7.05 -14.99 -1.62
C LEU A 192 -7.67 -14.76 -3.00
N VAL A 193 -9.01 -14.92 -3.08
CA VAL A 193 -9.75 -14.43 -4.24
C VAL A 193 -10.62 -13.26 -3.80
N LEU A 194 -10.77 -12.28 -4.69
CA LEU A 194 -11.56 -11.07 -4.46
C LEU A 194 -12.37 -10.77 -5.73
N PRO A 195 -13.36 -9.88 -5.69
CA PRO A 195 -14.09 -9.56 -6.92
C PRO A 195 -13.22 -8.79 -7.91
N ASP A 196 -13.34 -9.14 -9.18
CA ASP A 196 -12.72 -8.33 -10.23
C ASP A 196 -13.28 -6.92 -10.20
N ARG A 197 -12.55 -5.97 -10.80
CA ARG A 197 -12.91 -4.56 -10.65
C ARG A 197 -14.26 -4.25 -11.28
N GLU A 198 -14.54 -4.83 -12.44
CA GLU A 198 -15.71 -4.40 -13.21
C GLU A 198 -16.65 -5.52 -13.62
N LYS A 199 -16.36 -6.77 -13.26
CA LYS A 199 -17.21 -7.88 -13.65
C LYS A 199 -17.33 -8.86 -12.49
N ASN A 200 -18.39 -9.66 -12.52
CA ASN A 200 -18.74 -10.54 -11.40
C ASN A 200 -17.98 -11.85 -11.48
N GLU A 201 -16.64 -11.76 -11.40
CA GLU A 201 -15.76 -12.92 -11.45
C GLU A 201 -14.68 -12.79 -10.38
N TRP A 202 -14.25 -13.94 -9.85
CA TRP A 202 -13.18 -13.95 -8.86
C TRP A 202 -11.82 -13.75 -9.52
N GLY A 203 -11.01 -12.85 -8.96
CA GLY A 203 -9.60 -12.74 -9.28
C GLY A 203 -8.75 -13.01 -8.04
N ARG A 204 -7.44 -13.02 -8.23
CA ARG A 204 -6.52 -13.37 -7.15
C ARG A 204 -5.87 -12.13 -6.56
N THR A 205 -5.65 -12.15 -5.25
CA THR A 205 -4.92 -11.09 -4.56
C THR A 205 -4.19 -11.72 -3.38
N HIS A 206 -2.99 -11.23 -3.09
CA HIS A 206 -2.21 -11.75 -1.95
C HIS A 206 -1.71 -10.58 -1.11
N PRO A 207 -2.61 -9.92 -0.38
CA PRO A 207 -2.19 -8.76 0.43
C PRO A 207 -1.13 -9.10 1.47
N LEU A 208 -1.22 -10.27 2.12
CA LEU A 208 -0.23 -10.61 3.14
C LEU A 208 1.17 -10.68 2.55
N ALA A 209 1.31 -11.25 1.34
CA ALA A 209 2.61 -11.34 0.70
C ALA A 209 3.13 -9.96 0.30
N GLN A 210 2.25 -9.06 -0.13
CA GLN A 210 2.67 -7.69 -0.43
C GLN A 210 3.17 -6.98 0.82
N ILE A 211 2.44 -7.14 1.94
CA ILE A 211 2.84 -6.52 3.20
C ILE A 211 4.20 -7.05 3.63
N ARG A 212 4.35 -8.37 3.62
CA ARG A 212 5.62 -8.97 4.03
C ARG A 212 6.76 -8.54 3.12
N TRP A 213 6.51 -8.50 1.81
CA TRP A 213 7.56 -8.05 0.88
C TRP A 213 7.98 -6.63 1.19
N THR A 214 7.01 -5.78 1.51
CA THR A 214 7.30 -4.38 1.80
C THR A 214 8.09 -4.25 3.11
N ALA A 215 7.68 -4.99 4.14
CA ALA A 215 8.42 -4.96 5.41
C ALA A 215 9.87 -5.38 5.19
N GLU A 216 10.06 -6.45 4.41
CA GLU A 216 11.40 -6.94 4.17
C GLU A 216 12.22 -5.98 3.32
N LYS A 217 11.63 -5.40 2.28
CA LYS A 217 12.33 -4.39 1.49
C LYS A 217 12.73 -3.21 2.35
N ASN A 218 11.85 -2.80 3.26
CA ASN A 218 12.16 -1.70 4.16
C ASN A 218 13.36 -2.05 5.05
N ARG A 219 13.42 -3.27 5.57
CA ARG A 219 14.59 -3.69 6.34
C ARG A 219 15.84 -3.71 5.48
N LEU A 220 15.72 -4.26 4.26
CA LEU A 220 16.87 -4.31 3.35
C LEU A 220 17.39 -2.92 3.02
N CYS A 221 16.54 -1.91 3.10
CA CYS A 221 16.89 -0.53 2.77
C CYS A 221 16.96 0.33 4.02
N ASN A 222 17.20 -0.28 5.18
CA ASN A 222 17.54 0.44 6.40
C ASN A 222 16.46 1.44 6.79
N GLY A 223 15.20 1.07 6.57
CA GLY A 223 14.09 1.90 6.96
C GLY A 223 13.73 3.01 6.00
N HIS A 224 14.43 3.14 4.89
CA HIS A 224 14.19 4.27 3.99
C HIS A 224 13.15 4.00 2.94
N TYR A 225 12.78 2.73 2.71
CA TYR A 225 11.93 2.41 1.58
C TYR A 225 10.53 3.01 1.72
N ILE A 226 9.83 2.73 2.84
CA ILE A 226 8.46 3.23 2.93
C ILE A 226 8.42 4.76 2.94
N ASN A 227 9.46 5.38 3.52
CA ASN A 227 9.58 6.85 3.47
C ASN A 227 9.80 7.33 2.03
N LEU A 228 10.63 6.63 1.27
CA LEU A 228 10.85 7.01 -0.12
C LEU A 228 9.59 6.85 -0.95
N VAL A 229 8.77 5.82 -0.67
CA VAL A 229 7.50 5.69 -1.37
C VAL A 229 6.62 6.92 -1.10
N ARG A 230 6.50 7.30 0.17
CA ARG A 230 5.66 8.45 0.48
C ARG A 230 6.23 9.74 -0.12
N ALA A 231 7.56 9.91 -0.10
CA ALA A 231 8.16 11.11 -0.68
C ALA A 231 7.89 11.19 -2.19
N VAL A 232 8.01 10.07 -2.90
CA VAL A 232 7.77 10.09 -4.35
C VAL A 232 6.29 10.30 -4.64
N LYS A 233 5.39 9.74 -3.83
CA LYS A 233 3.97 10.04 -3.99
C LYS A 233 3.70 11.53 -3.82
N TRP A 234 4.36 12.14 -2.84
CA TRP A 234 4.20 13.57 -2.61
C TRP A 234 4.74 14.38 -3.77
N TRP A 235 5.89 13.99 -4.32
CA TRP A 235 6.42 14.64 -5.53
C TRP A 235 5.40 14.56 -6.66
N ARG A 236 4.81 13.39 -6.86
CA ARG A 236 3.83 13.20 -7.92
C ARG A 236 2.61 14.09 -7.71
N GLN A 237 2.15 14.20 -6.47
CA GLN A 237 1.03 15.07 -6.16
C GLN A 237 1.38 16.54 -6.37
N GLN A 238 2.57 16.95 -5.93
CA GLN A 238 2.95 18.35 -6.03
C GLN A 238 3.19 18.78 -7.46
N ASN A 239 3.59 17.84 -8.33
CA ASN A 239 3.85 18.13 -9.73
C ASN A 239 2.79 17.53 -10.65
N SER A 240 1.58 17.31 -10.13
CA SER A 240 0.58 16.57 -10.88
C SER A 240 0.23 17.28 -12.19
N GLU A 241 0.34 18.61 -12.22
CA GLU A 241 -0.01 19.34 -13.43
C GLU A 241 0.95 19.02 -14.58
N ASP A 242 2.17 18.59 -14.27
CA ASP A 242 3.17 18.29 -15.29
C ASP A 242 3.40 16.80 -15.49
N LEU A 243 2.64 15.95 -14.82
CA LEU A 243 2.79 14.50 -14.90
C LEU A 243 1.50 13.88 -15.42
N PRO A 244 1.56 12.67 -15.98
CA PRO A 244 0.33 11.99 -16.36
C PRO A 244 -0.48 11.61 -15.13
N LYS A 245 -1.77 11.37 -15.34
CA LYS A 245 -2.63 10.93 -14.23
C LYS A 245 -2.12 9.63 -13.62
N TYR A 246 -1.71 8.70 -14.47
CA TYR A 246 -1.18 7.42 -14.03
C TYR A 246 0.26 7.28 -14.52
N PRO A 247 1.12 6.61 -13.76
CA PRO A 247 0.81 5.84 -12.54
C PRO A 247 0.64 6.68 -11.27
N LYS A 248 -0.18 6.15 -10.37
CA LYS A 248 -0.33 6.68 -9.01
C LYS A 248 -0.68 5.51 -8.11
N GLY A 249 -0.75 5.77 -6.80
CA GLY A 249 -1.22 4.72 -5.91
C GLY A 249 -0.35 3.48 -5.97
N TYR A 250 -0.98 2.29 -6.09
CA TYR A 250 -0.13 1.12 -5.90
C TYR A 250 0.80 0.85 -7.08
N PRO A 251 0.40 1.03 -8.35
CA PRO A 251 1.41 0.89 -9.41
C PRO A 251 2.61 1.81 -9.24
N LEU A 252 2.39 3.03 -8.74
CA LEU A 252 3.52 3.92 -8.44
C LEU A 252 4.39 3.34 -7.32
N GLU A 253 3.76 2.88 -6.24
CA GLU A 253 4.53 2.26 -5.17
C GLU A 253 5.35 1.08 -5.70
N HIS A 254 4.75 0.24 -6.53
CA HIS A 254 5.48 -0.91 -7.07
C HIS A 254 6.66 -0.47 -7.93
N LEU A 255 6.49 0.57 -8.74
CA LEU A 255 7.62 1.08 -9.53
C LEU A 255 8.76 1.54 -8.63
N ILE A 256 8.42 2.21 -7.52
CA ILE A 256 9.45 2.68 -6.61
C ILE A 256 10.17 1.49 -5.94
N GLY A 257 9.40 0.51 -5.48
CA GLY A 257 10.01 -0.66 -4.85
C GLY A 257 10.88 -1.45 -5.82
N ASN A 258 10.52 -1.43 -7.10
CA ASN A 258 11.36 -2.07 -8.09
C ASN A 258 12.65 -1.28 -8.31
N ALA A 259 12.54 0.04 -8.47
CA ALA A 259 13.69 0.86 -8.83
C ALA A 259 14.71 0.91 -7.70
N LEU A 260 14.25 0.95 -6.45
CA LEU A 260 15.16 1.10 -5.33
C LEU A 260 16.01 -0.16 -5.17
N ASP A 261 17.34 0.03 -5.00
CA ASP A 261 18.27 -1.05 -4.69
C ASP A 261 18.20 -1.40 -3.20
N ASN A 262 18.58 -2.64 -2.86
CA ASN A 262 18.82 -2.95 -1.45
C ASN A 262 20.01 -2.14 -0.94
N GLY A 263 19.99 -1.84 0.36
CA GLY A 263 21.15 -1.24 1.01
C GLY A 263 21.14 0.26 1.11
N THR A 264 20.00 0.91 0.84
CA THR A 264 19.86 2.36 0.89
C THR A 264 20.40 2.93 2.20
N THR A 265 21.20 4.00 2.12
CA THR A 265 21.80 4.57 3.32
C THR A 265 21.21 5.90 3.76
N SER A 266 20.52 6.62 2.88
CA SER A 266 19.83 7.85 3.24
C SER A 266 18.72 8.07 2.23
N MET A 267 17.79 8.97 2.56
CA MET A 267 16.70 9.22 1.63
C MET A 267 17.19 10.00 0.40
N ALA A 268 18.14 10.94 0.57
CA ALA A 268 18.67 11.67 -0.60
C ALA A 268 19.41 10.73 -1.56
N GLN A 269 20.29 9.89 -1.02
CA GLN A 269 20.97 8.88 -1.83
C GLN A 269 19.97 7.94 -2.49
N GLY A 270 19.00 7.44 -1.71
CA GLY A 270 18.03 6.50 -2.27
C GLY A 270 17.20 7.11 -3.39
N LEU A 271 16.82 8.38 -3.22
CA LEU A 271 16.08 9.08 -4.27
C LEU A 271 16.88 9.14 -5.56
N VAL A 272 18.12 9.64 -5.46
CA VAL A 272 18.92 9.75 -6.68
C VAL A 272 19.14 8.37 -7.30
N GLN A 273 19.42 7.35 -6.46
CA GLN A 273 19.68 6.02 -6.97
C GLN A 273 18.48 5.45 -7.67
N LEU A 274 17.31 5.50 -7.02
CA LEU A 274 16.13 4.89 -7.61
C LEU A 274 15.74 5.60 -8.89
N MET A 275 15.90 6.94 -8.92
CA MET A 275 15.56 7.65 -10.16
C MET A 275 16.55 7.32 -11.28
N ASP A 276 17.85 7.29 -10.97
CA ASP A 276 18.84 6.89 -11.97
C ASP A 276 18.55 5.49 -12.50
N THR A 277 18.27 4.54 -11.59
CA THR A 277 18.02 3.17 -11.99
C THR A 277 16.75 3.05 -12.80
N PHE A 278 15.67 3.74 -12.39
CA PHE A 278 14.47 3.78 -13.22
C PHE A 278 14.81 4.20 -14.64
N LEU A 279 15.59 5.28 -14.77
CA LEU A 279 15.85 5.79 -16.10
C LEU A 279 16.69 4.81 -16.92
N SER A 280 17.69 4.19 -16.30
CA SER A 280 18.52 3.26 -17.08
C SER A 280 17.78 1.96 -17.39
N ARG A 281 17.02 1.45 -16.42
CA ARG A 281 16.36 0.16 -16.58
C ARG A 281 15.26 0.22 -17.63
N TRP A 282 14.55 1.33 -17.72
CA TRP A 282 13.44 1.44 -18.66
C TRP A 282 13.78 2.27 -19.89
N ALA A 283 15.07 2.57 -20.12
CA ALA A 283 15.43 3.39 -21.27
C ALA A 283 15.00 2.73 -22.58
N ALA A 284 15.22 1.43 -22.74
CA ALA A 284 14.84 0.75 -23.97
C ALA A 284 13.33 0.75 -24.15
N ILE A 285 12.60 0.46 -23.07
CA ILE A 285 11.13 0.46 -23.13
C ILE A 285 10.62 1.84 -23.49
N TYR A 286 11.24 2.89 -22.94
CA TYR A 286 10.83 4.24 -23.29
C TYR A 286 11.13 4.54 -24.76
N ASN A 287 12.30 4.13 -25.25
CA ASN A 287 12.62 4.38 -26.65
C ASN A 287 11.78 3.52 -27.58
N GLN A 288 11.16 2.46 -27.07
CA GLN A 288 10.20 1.69 -27.84
C GLN A 288 8.77 2.19 -27.68
N LYS A 289 8.55 3.28 -26.96
CA LYS A 289 7.21 3.82 -26.70
C LYS A 289 6.30 2.73 -26.13
N SER A 290 6.82 2.03 -25.13
CA SER A 290 6.11 0.88 -24.57
C SER A 290 6.00 1.07 -23.06
N LYS A 291 5.83 -0.02 -22.33
CA LYS A 291 5.73 0.03 -20.87
C LYS A 291 6.18 -1.33 -20.36
N PRO A 292 6.71 -1.39 -19.16
CA PRO A 292 7.21 -2.69 -18.66
C PRO A 292 6.08 -3.56 -18.14
N TRP A 293 6.34 -4.86 -18.22
CA TRP A 293 5.52 -5.90 -17.59
C TRP A 293 6.19 -6.24 -16.26
N LEU A 294 5.50 -6.02 -15.15
CA LEU A 294 6.13 -6.14 -13.83
C LEU A 294 5.32 -7.08 -12.95
N SER A 295 5.97 -8.15 -12.48
CA SER A 295 5.30 -9.17 -11.69
C SER A 295 4.90 -8.63 -10.32
N ASP A 296 3.65 -8.86 -9.95
CA ASP A 296 3.18 -8.48 -8.62
C ASP A 296 3.86 -9.33 -7.55
N HIS A 297 4.25 -8.68 -6.43
CA HIS A 297 4.91 -9.41 -5.35
C HIS A 297 3.95 -10.37 -4.64
N GLY A 298 2.64 -10.17 -4.79
CA GLY A 298 1.69 -11.10 -4.20
C GLY A 298 1.30 -12.23 -5.12
N VAL A 299 0.88 -11.90 -6.34
CA VAL A 299 0.41 -12.87 -7.32
C VAL A 299 1.35 -12.75 -8.52
N ALA A 300 2.31 -13.68 -8.63
CA ALA A 300 3.42 -13.50 -9.57
C ALA A 300 2.95 -13.32 -11.01
N GLU A 301 1.90 -14.04 -11.42
CA GLU A 301 1.53 -13.98 -12.82
C GLU A 301 0.75 -12.70 -13.18
N HIS A 302 0.49 -11.83 -12.21
CA HIS A 302 -0.20 -10.56 -12.46
C HIS A 302 0.80 -9.46 -12.82
N ASP A 303 0.50 -8.70 -13.87
CA ASP A 303 1.25 -7.52 -14.28
C ASP A 303 0.70 -6.32 -13.53
N VAL A 304 1.50 -5.76 -12.60
CA VAL A 304 1.02 -4.59 -11.86
C VAL A 304 0.71 -3.44 -12.80
N MET A 305 1.38 -3.37 -13.96
CA MET A 305 1.17 -2.29 -14.92
C MET A 305 0.09 -2.60 -15.95
N ALA A 306 -0.76 -3.60 -15.71
CA ALA A 306 -1.64 -4.09 -16.77
C ALA A 306 -2.58 -3.00 -17.29
N ARG A 307 -3.03 -2.10 -16.42
CA ARG A 307 -3.97 -1.05 -16.83
C ARG A 307 -3.28 0.26 -17.19
N LEU A 308 -1.98 0.37 -16.98
CA LEU A 308 -1.23 1.57 -17.34
C LEU A 308 -1.03 1.61 -18.86
N THR A 309 -1.28 2.77 -19.48
CA THR A 309 -1.03 2.85 -20.91
C THR A 309 0.44 3.15 -21.17
N ALA A 310 0.90 2.77 -22.37
CA ALA A 310 2.27 3.08 -22.76
C ALA A 310 2.49 4.59 -22.81
N GLU A 311 1.47 5.34 -23.24
CA GLU A 311 1.61 6.78 -23.32
C GLU A 311 1.85 7.38 -21.93
N ASP A 312 1.09 6.91 -20.94
CA ASP A 312 1.26 7.41 -19.58
C ASP A 312 2.61 6.97 -19.01
N PHE A 313 3.01 5.72 -19.24
CA PHE A 313 4.32 5.31 -18.73
C PHE A 313 5.43 6.18 -19.31
N CYS A 314 5.36 6.49 -20.61
CA CYS A 314 6.44 7.25 -21.22
C CYS A 314 6.41 8.72 -20.77
N SER A 315 5.22 9.31 -20.59
CA SER A 315 5.14 10.66 -20.00
C SER A 315 5.71 10.66 -18.58
N PHE A 316 5.43 9.61 -17.81
CA PHE A 316 5.97 9.51 -16.47
C PHE A 316 7.49 9.38 -16.49
N TYR A 317 8.00 8.61 -17.45
CA TYR A 317 9.45 8.47 -17.60
C TYR A 317 10.10 9.83 -17.85
N GLU A 318 9.47 10.64 -18.71
CA GLU A 318 9.97 12.00 -18.94
C GLU A 318 9.96 12.83 -17.66
N GLY A 319 8.87 12.69 -16.87
CA GLY A 319 8.84 13.38 -15.58
C GLY A 319 9.96 12.95 -14.64
N ILE A 320 10.22 11.64 -14.58
CA ILE A 320 11.31 11.15 -13.73
C ILE A 320 12.65 11.68 -14.22
N ALA A 321 12.85 11.74 -15.53
CA ALA A 321 14.12 12.27 -16.05
C ALA A 321 14.34 13.71 -15.59
N SER A 322 13.30 14.54 -15.76
CA SER A 322 13.42 15.91 -15.29
C SER A 322 13.65 15.97 -13.78
N ALA A 323 12.95 15.14 -13.00
CA ALA A 323 13.13 15.17 -11.55
C ALA A 323 14.51 14.68 -11.13
N ALA A 324 15.07 13.72 -11.86
CA ALA A 324 16.36 13.16 -11.49
C ALA A 324 17.46 14.21 -11.63
N GLU A 325 17.37 15.06 -12.65
CA GLU A 325 18.36 16.15 -12.74
C GLU A 325 18.32 17.04 -11.49
N ILE A 326 17.12 17.40 -11.04
CA ILE A 326 16.98 18.23 -9.84
C ILE A 326 17.53 17.50 -8.62
N ALA A 327 17.18 16.22 -8.48
CA ALA A 327 17.58 15.46 -7.30
C ALA A 327 19.09 15.31 -7.23
N ARG A 328 19.73 15.06 -8.37
CA ARG A 328 21.19 15.00 -8.42
C ARG A 328 21.79 16.32 -7.97
N ASN A 329 21.27 17.43 -8.47
CA ASN A 329 21.82 18.74 -8.07
C ASN A 329 21.61 18.98 -6.57
N ALA A 330 20.45 18.60 -6.04
CA ALA A 330 20.18 18.83 -4.63
C ALA A 330 21.12 18.01 -3.77
N LEU A 331 21.39 16.76 -4.18
CA LEU A 331 22.31 15.90 -3.44
C LEU A 331 23.74 16.43 -3.51
N ALA A 332 24.18 16.85 -4.70
CA ALA A 332 25.55 17.30 -4.88
C ALA A 332 25.82 18.66 -4.24
N SER A 333 24.78 19.46 -4.04
CA SER A 333 24.97 20.80 -3.49
C SER A 333 25.66 20.75 -2.15
N GLU A 334 26.60 21.67 -1.93
CA GLU A 334 27.40 21.69 -0.73
C GLU A 334 26.96 22.78 0.24
N GLU A 335 25.87 23.49 -0.05
CA GLU A 335 25.33 24.53 0.79
C GLU A 335 23.93 24.17 1.25
N PRO A 336 23.64 24.23 2.57
CA PRO A 336 22.34 23.72 3.05
C PRO A 336 21.14 24.44 2.46
N GLN A 337 21.21 25.76 2.31
CA GLN A 337 20.06 26.51 1.81
C GLN A 337 19.81 26.22 0.34
N GLU A 338 20.87 26.23 -0.48
CA GLU A 338 20.71 25.91 -1.90
C GLU A 338 20.22 24.47 -2.09
N SER A 339 20.78 23.53 -1.32
CA SER A 339 20.34 22.15 -1.41
C SER A 339 18.88 22.00 -1.04
N ALA A 340 18.46 22.64 0.06
CA ALA A 340 17.06 22.58 0.46
C ALA A 340 16.15 23.24 -0.56
N GLN A 341 16.62 24.31 -1.22
CA GLN A 341 15.83 24.92 -2.28
C GLN A 341 15.60 23.94 -3.42
N LEU A 342 16.63 23.18 -3.79
CA LEU A 342 16.44 22.21 -4.87
C LEU A 342 15.49 21.07 -4.44
N TRP A 343 15.69 20.55 -3.23
CA TRP A 343 14.75 19.54 -2.73
C TRP A 343 13.31 20.07 -2.75
N ARG A 344 13.13 21.35 -2.39
CA ARG A 344 11.79 21.95 -2.39
C ARG A 344 11.27 22.15 -3.80
N GLN A 345 12.17 22.31 -4.78
CA GLN A 345 11.72 22.25 -6.16
C GLN A 345 11.04 20.91 -6.44
N LEU A 346 11.56 19.84 -5.85
CA LEU A 346 10.91 18.54 -6.00
C LEU A 346 9.61 18.42 -5.20
N PHE A 347 9.68 18.73 -3.90
CA PHE A 347 8.60 18.33 -2.98
C PHE A 347 7.69 19.47 -2.55
N GLY A 348 8.05 20.71 -2.83
CA GLY A 348 7.24 21.83 -2.38
C GLY A 348 7.55 22.21 -0.95
N SER A 349 6.66 23.05 -0.40
CA SER A 349 6.96 23.75 0.84
C SER A 349 6.92 22.87 2.08
N LYS A 350 6.40 21.65 2.00
CA LYS A 350 6.41 20.77 3.17
C LYS A 350 7.81 20.27 3.49
N PHE A 351 8.76 20.40 2.57
CA PHE A 351 10.16 20.13 2.85
C PHE A 351 10.76 21.39 3.45
N PRO A 352 11.25 21.37 4.68
CA PRO A 352 11.65 22.60 5.36
C PRO A 352 13.04 23.07 4.96
N LEU A 353 13.24 24.37 5.08
CA LEU A 353 14.57 24.94 5.00
C LEU A 353 15.30 24.69 6.31
N PRO A 354 16.61 24.46 6.27
CA PRO A 354 17.36 24.30 7.52
C PRO A 354 17.45 25.62 8.27
N GLY A 355 17.45 25.52 9.60
CA GLY A 355 17.51 26.70 10.45
C GLY A 355 18.87 27.38 10.46
PG APC B . -3.90 4.80 -1.63
O1G APC B . -3.91 5.75 -2.80
O2G APC B . -5.30 4.19 -1.40
O3G APC B . -3.31 5.43 -0.37
PB APC B . -3.23 2.03 -2.13
O1B APC B . -2.01 1.19 -2.34
O2B APC B . -4.02 1.60 -0.91
O3B APC B . -2.81 3.61 -2.00
PA APC B . -5.89 1.12 -3.43
O1A APC B . -6.71 1.38 -4.64
O2A APC B . -6.60 1.57 -2.18
C3A APC B . -4.25 2.04 -3.71
O5' APC B . -5.53 -0.45 -3.35
C5' APC B . -5.62 -1.14 -2.14
C4' APC B . -4.59 -2.32 -2.21
O4' APC B . -4.97 -3.17 -3.16
C3' APC B . -3.22 -1.79 -2.69
O3' APC B . -2.51 -1.24 -1.68
C2' APC B . -2.65 -3.11 -3.23
O2' APC B . -2.22 -3.90 -2.06
C1' APC B . -3.67 -3.68 -3.89
N9 APC B . -3.63 -3.25 -5.25
C8 APC B . -4.26 -2.20 -5.81
N7 APC B . -3.91 -2.12 -7.09
C5 APC B . -3.04 -3.12 -7.33
C6 APC B . -2.37 -3.50 -8.47
N6 APC B . -2.41 -2.91 -9.81
N1 APC B . -1.54 -4.55 -8.45
C2 APC B . -1.37 -5.26 -7.32
N3 APC B . -2.03 -4.87 -6.17
C4 APC B . -2.85 -3.81 -6.21
PG APC C . -9.58 -6.71 -14.98
O1G APC C . -10.89 -6.52 -15.73
O2G APC C . -8.47 -5.76 -15.48
O3G APC C . -9.15 -8.16 -15.11
PB APC C . -8.80 -6.36 -12.15
O1B APC C . -9.64 -6.34 -10.91
O2B APC C . -7.82 -7.49 -12.11
O3B APC C . -9.89 -6.40 -13.40
PA APC C . -7.31 -3.94 -10.81
O1A APC C . -8.51 -3.33 -10.19
O2A APC C . -6.33 -2.87 -11.17
C3A APC C . -7.76 -4.82 -12.43
O5' APC C . -6.64 -5.03 -9.79
C5' APC C . -5.43 -5.69 -10.12
C4' APC C . -5.05 -6.54 -8.85
O4' APC C . -4.82 -5.74 -7.83
C3' APC C . -6.27 -7.36 -8.40
O3' APC C . -6.29 -8.55 -9.07
C2' APC C . -5.96 -7.56 -6.92
O2' APC C . -4.92 -8.62 -6.83
C1' APC C . -5.41 -6.42 -6.53
N9 APC C . -6.33 -5.51 -5.91
C8 APC C . -6.95 -4.47 -6.51
N7 APC C . -7.70 -3.86 -5.59
C5 APC C . -7.54 -4.53 -4.42
C6 APC C . -8.07 -4.35 -3.16
N6 APC C . -9.02 -3.34 -2.68
N1 APC C . -7.73 -5.16 -2.15
C2 APC C . -6.89 -6.17 -2.36
N3 APC C . -6.36 -6.36 -3.61
C4 APC C . -6.69 -5.54 -4.62
MG MG D . -5.86 2.44 -0.43
MG MG E . -8.93 1.59 -1.44
MG MG F . 15.28 -3.08 -6.93
MG MG G . -7.29 -8.25 -14.08
#